data_2EXL
#
_entry.id   2EXL
#
_cell.length_a   65.820
_cell.length_b   84.360
_cell.length_c   95.630
_cell.angle_alpha   90.00
_cell.angle_beta   90.00
_cell.angle_gamma   90.00
#
_symmetry.space_group_name_H-M   'P 21 21 21'
#
loop_
_entity.id
_entity.type
_entity.pdbx_description
1 polymer Endoplasmin
2 non-polymer GELDANAMYCIN
3 non-polymer 'TETRAETHYLENE GLYCOL'
4 non-polymer 'PENTAETHYLENE GLYCOL'
5 water water
#
_entity_poly.entity_id   1
_entity_poly.type   'polypeptide(L)'
_entity_poly.pdbx_seq_one_letter_code
;GSHMLREKSEKFAFQAEVNRMMKLIINSLYKNKEIFLRELISNASDALDKIRLISLTDENALAGNEELTVKIKCDKEKNL
LHVTDTGVGMTREELVKNLGTIAKSGTSEFLNKMTEAQEDGQSTSELIGQFGVGFYSAFLVADKVIVTSKHNNDTQHIWE
SDSNEFSVIADPRGNTLGRGTTITLVLKEEASDYLELDTIKNLVKKYSQFINFPIYVWSSKTGGGGKTVWDWELMN
;
_entity_poly.pdbx_strand_id   A,B
#
# COMPACT_ATOMS: atom_id res chain seq x y z
N LYS A 8 7.37 -16.10 -10.23
CA LYS A 8 6.35 -15.48 -9.32
C LYS A 8 5.02 -15.36 -10.05
N SER A 9 4.76 -16.34 -10.91
CA SER A 9 3.52 -16.40 -11.70
C SER A 9 2.31 -16.62 -10.80
N GLU A 10 2.56 -16.72 -9.50
CA GLU A 10 1.52 -16.92 -8.50
C GLU A 10 1.39 -15.65 -7.67
N LYS A 11 2.34 -14.73 -7.84
CA LYS A 11 2.35 -13.46 -7.12
C LYS A 11 1.67 -12.39 -7.96
N PHE A 12 0.79 -11.60 -7.32
CA PHE A 12 0.09 -10.54 -8.02
C PHE A 12 0.19 -9.28 -7.17
N ALA A 13 -0.19 -8.15 -7.75
CA ALA A 13 -0.17 -6.87 -7.04
C ALA A 13 -1.61 -6.39 -7.00
N PHE A 14 -1.93 -5.50 -6.09
CA PHE A 14 -3.29 -5.01 -6.01
C PHE A 14 -3.54 -3.86 -6.98
N GLN A 15 -4.77 -3.76 -7.45
CA GLN A 15 -5.17 -2.69 -8.34
C GLN A 15 -5.06 -1.43 -7.47
N ALA A 16 -4.66 -0.31 -8.05
CA ALA A 16 -4.53 0.92 -7.27
C ALA A 16 -5.77 1.23 -6.40
N GLU A 17 -6.96 1.24 -7.01
CA GLU A 17 -8.17 1.53 -6.27
C GLU A 17 -8.35 0.66 -5.00
N VAL A 18 -7.99 -0.62 -5.09
CA VAL A 18 -8.12 -1.49 -3.93
C VAL A 18 -7.21 -0.98 -2.81
N ASN A 19 -5.96 -0.68 -3.15
CA ASN A 19 -5.00 -0.16 -2.17
C ASN A 19 -5.60 1.05 -1.44
N ARG A 20 -6.14 1.97 -2.22
CA ARG A 20 -6.74 3.18 -1.68
C ARG A 20 -7.92 2.82 -0.78
N MET A 21 -8.71 1.86 -1.24
CA MET A 21 -9.88 1.41 -0.49
C MET A 21 -9.47 0.78 0.85
N MET A 22 -8.46 -0.08 0.84
CA MET A 22 -8.02 -0.68 2.10
C MET A 22 -7.54 0.43 3.03
N LYS A 23 -6.91 1.44 2.46
CA LYS A 23 -6.42 2.55 3.26
C LYS A 23 -7.54 3.34 3.92
N LEU A 24 -8.68 3.42 3.25
CA LEU A 24 -9.84 4.14 3.80
C LEU A 24 -10.39 3.43 5.02
N ILE A 25 -10.69 2.13 4.85
CA ILE A 25 -11.22 1.32 5.93
C ILE A 25 -10.36 1.40 7.18
N ILE A 26 -9.06 1.29 7.01
CA ILE A 26 -8.15 1.36 8.14
C ILE A 26 -8.19 2.72 8.82
N ASN A 27 -8.20 3.80 8.04
CA ASN A 27 -8.21 5.14 8.60
C ASN A 27 -9.53 5.59 9.16
N SER A 28 -10.64 5.03 8.67
CA SER A 28 -11.94 5.46 9.14
C SER A 28 -12.75 4.51 10.01
N LEU A 29 -12.28 3.28 10.21
CA LEU A 29 -13.02 2.32 11.02
C LEU A 29 -12.21 1.77 12.18
N TYR A 30 -11.02 2.31 12.37
CA TYR A 30 -10.13 1.84 13.43
C TYR A 30 -10.73 1.97 14.84
N LYS A 31 -11.90 2.57 14.94
CA LYS A 31 -12.53 2.73 16.24
C LYS A 31 -13.69 1.75 16.45
N ASN A 32 -13.85 0.81 15.52
CA ASN A 32 -14.90 -0.19 15.62
C ASN A 32 -14.53 -1.38 14.74
N LYS A 33 -13.34 -1.91 15.00
CA LYS A 33 -12.79 -3.04 14.26
C LYS A 33 -13.63 -4.32 14.32
N GLU A 34 -14.39 -4.48 15.38
CA GLU A 34 -15.22 -5.67 15.54
C GLU A 34 -16.21 -5.91 14.42
N ILE A 35 -16.34 -4.95 13.49
CA ILE A 35 -17.28 -5.13 12.39
C ILE A 35 -16.75 -6.12 11.34
N PHE A 36 -15.47 -6.46 11.41
CA PHE A 36 -14.95 -7.38 10.42
C PHE A 36 -15.69 -8.71 10.55
N LEU A 37 -16.02 -9.08 11.77
CA LEU A 37 -16.70 -10.35 11.98
C LEU A 37 -18.07 -10.26 11.33
N ARG A 38 -18.72 -9.10 11.48
CA ARG A 38 -20.02 -8.90 10.87
C ARG A 38 -19.89 -9.06 9.35
N GLU A 39 -18.91 -8.41 8.76
CA GLU A 39 -18.71 -8.47 7.31
C GLU A 39 -18.42 -9.90 6.82
N LEU A 40 -17.59 -10.64 7.55
CA LEU A 40 -17.27 -12.00 7.12
C LEU A 40 -18.47 -12.95 7.23
N ILE A 41 -19.22 -12.85 8.33
CA ILE A 41 -20.40 -13.68 8.49
C ILE A 41 -21.42 -13.32 7.41
N SER A 42 -21.42 -12.05 6.99
CA SER A 42 -22.36 -11.61 5.96
C SER A 42 -21.92 -12.20 4.62
N ASN A 43 -20.63 -12.18 4.35
CA ASN A 43 -20.13 -12.73 3.10
C ASN A 43 -20.46 -14.22 3.05
N ALA A 44 -20.13 -14.93 4.13
CA ALA A 44 -20.39 -16.35 4.19
C ALA A 44 -21.85 -16.64 3.84
N SER A 45 -22.76 -15.81 4.36
CA SER A 45 -24.19 -15.97 4.12
C SER A 45 -24.61 -15.75 2.67
N ASP A 46 -23.95 -14.83 1.99
CA ASP A 46 -24.26 -14.55 0.60
C ASP A 46 -23.80 -15.75 -0.23
N ALA A 47 -22.73 -16.38 0.22
CA ALA A 47 -22.17 -17.54 -0.48
C ALA A 47 -23.10 -18.73 -0.37
N LEU A 48 -23.73 -18.90 0.79
CA LEU A 48 -24.65 -20.01 0.99
C LEU A 48 -25.93 -19.80 0.18
N ASP A 49 -26.33 -18.53 0.02
CA ASP A 49 -27.51 -18.18 -0.75
C ASP A 49 -27.32 -18.57 -2.22
N LYS A 50 -26.10 -18.39 -2.73
CA LYS A 50 -25.80 -18.68 -4.13
C LYS A 50 -25.76 -20.16 -4.45
N ILE A 51 -25.22 -20.97 -3.55
CA ILE A 51 -25.19 -22.39 -3.83
C ILE A 51 -26.62 -22.89 -3.71
N ARG A 52 -27.36 -22.33 -2.75
CA ARG A 52 -28.74 -22.72 -2.58
C ARG A 52 -29.54 -22.36 -3.82
N LEU A 53 -29.18 -21.25 -4.44
CA LEU A 53 -29.86 -20.84 -5.67
C LEU A 53 -29.44 -21.75 -6.84
N ILE A 54 -28.19 -22.20 -6.84
CA ILE A 54 -27.68 -23.06 -7.88
C ILE A 54 -28.28 -24.47 -7.79
N SER A 55 -28.54 -24.93 -6.57
CA SER A 55 -29.10 -26.25 -6.39
C SER A 55 -30.52 -26.34 -6.92
N LEU A 56 -31.11 -25.19 -7.24
CA LEU A 56 -32.47 -25.15 -7.77
C LEU A 56 -32.50 -25.72 -9.19
N THR A 57 -31.50 -25.33 -9.99
CA THR A 57 -31.42 -25.79 -11.38
C THR A 57 -30.48 -26.98 -11.54
N ASP A 58 -29.32 -26.88 -10.91
CA ASP A 58 -28.30 -27.93 -10.96
C ASP A 58 -28.57 -28.86 -9.79
N GLU A 59 -28.87 -30.13 -10.05
CA GLU A 59 -29.14 -31.05 -8.97
C GLU A 59 -27.87 -31.75 -8.46
N ASN A 60 -26.72 -31.25 -8.90
CA ASN A 60 -25.43 -31.80 -8.48
C ASN A 60 -24.73 -30.81 -7.56
N ALA A 61 -25.28 -29.60 -7.50
CA ALA A 61 -24.74 -28.51 -6.70
C ALA A 61 -24.23 -28.91 -5.33
N LEU A 62 -25.01 -29.71 -4.60
CA LEU A 62 -24.62 -30.11 -3.26
C LEU A 62 -24.20 -31.58 -3.12
N ALA A 63 -23.13 -31.96 -3.80
CA ALA A 63 -22.63 -33.32 -3.74
C ALA A 63 -21.24 -33.39 -3.09
N GLY A 64 -20.61 -32.22 -2.93
CA GLY A 64 -19.30 -32.15 -2.31
C GLY A 64 -19.39 -31.84 -0.84
N ASN A 65 -20.58 -31.43 -0.38
CA ASN A 65 -20.82 -31.08 1.01
C ASN A 65 -22.30 -30.75 1.16
N GLU A 66 -23.08 -31.75 1.55
CA GLU A 66 -24.53 -31.61 1.70
C GLU A 66 -25.03 -30.53 2.67
N GLU A 67 -24.23 -30.17 3.66
CA GLU A 67 -24.61 -29.18 4.65
C GLU A 67 -24.44 -27.73 4.18
N LEU A 68 -25.13 -26.84 4.87
CA LEU A 68 -25.07 -25.42 4.59
C LEU A 68 -24.87 -24.73 5.94
N THR A 69 -23.62 -24.65 6.38
CA THR A 69 -23.31 -24.04 7.68
C THR A 69 -22.21 -22.99 7.65
N VAL A 70 -21.95 -22.47 8.84
CA VAL A 70 -20.92 -21.48 9.08
C VAL A 70 -20.36 -21.82 10.45
N LYS A 71 -19.12 -22.30 10.46
CA LYS A 71 -18.44 -22.69 11.69
C LYS A 71 -17.22 -21.79 11.94
N ILE A 72 -17.12 -21.28 13.16
CA ILE A 72 -16.03 -20.38 13.54
C ILE A 72 -15.18 -20.99 14.65
N LYS A 73 -13.88 -21.08 14.39
CA LYS A 73 -12.93 -21.69 15.32
C LYS A 73 -11.79 -20.76 15.77
N CYS A 74 -11.39 -20.89 17.03
CA CYS A 74 -10.31 -20.07 17.58
C CYS A 74 -9.10 -20.92 17.97
N ASP A 75 -8.00 -20.73 17.26
CA ASP A 75 -6.76 -21.44 17.57
C ASP A 75 -5.92 -20.47 18.39
N LYS A 76 -6.18 -20.40 19.69
CA LYS A 76 -5.46 -19.48 20.57
C LYS A 76 -3.94 -19.66 20.64
N GLU A 77 -3.46 -20.83 20.25
CA GLU A 77 -2.02 -21.12 20.30
C GLU A 77 -1.26 -20.64 19.06
N LYS A 78 -1.88 -20.76 17.87
CA LYS A 78 -1.25 -20.33 16.63
C LYS A 78 -1.66 -18.90 16.28
N ASN A 79 -2.40 -18.26 17.18
CA ASN A 79 -2.89 -16.89 16.98
C ASN A 79 -3.68 -16.77 15.68
N LEU A 80 -4.63 -17.67 15.50
CA LEU A 80 -5.44 -17.66 14.29
C LEU A 80 -6.94 -17.67 14.57
N LEU A 81 -7.70 -17.16 13.60
CA LEU A 81 -9.15 -17.11 13.68
C LEU A 81 -9.69 -17.62 12.35
N HIS A 82 -10.48 -18.68 12.40
CA HIS A 82 -11.05 -19.28 11.19
C HIS A 82 -12.58 -19.09 11.10
N VAL A 83 -13.06 -18.75 9.91
CA VAL A 83 -14.49 -18.60 9.64
C VAL A 83 -14.72 -19.44 8.37
N THR A 84 -15.48 -20.52 8.50
CA THR A 84 -15.70 -21.42 7.37
C THR A 84 -17.17 -21.60 7.00
N ASP A 85 -17.47 -21.47 5.71
CA ASP A 85 -18.82 -21.66 5.24
C ASP A 85 -18.80 -22.79 4.21
N THR A 86 -19.97 -23.37 3.95
CA THR A 86 -20.09 -24.43 2.96
C THR A 86 -20.87 -23.89 1.76
N GLY A 87 -20.63 -22.62 1.47
CA GLY A 87 -21.29 -21.99 0.34
C GLY A 87 -20.79 -22.45 -1.01
N VAL A 88 -21.06 -21.64 -2.03
CA VAL A 88 -20.66 -21.97 -3.39
C VAL A 88 -19.15 -22.02 -3.58
N GLY A 89 -18.43 -21.27 -2.77
CA GLY A 89 -16.98 -21.24 -2.86
C GLY A 89 -16.58 -20.41 -4.06
N MET A 90 -15.26 -20.27 -4.28
CA MET A 90 -14.72 -19.48 -5.38
C MET A 90 -13.66 -20.24 -6.17
N THR A 91 -13.68 -20.06 -7.48
CA THR A 91 -12.71 -20.72 -8.35
C THR A 91 -11.42 -19.94 -8.28
N ARG A 92 -10.32 -20.52 -8.75
CA ARG A 92 -9.03 -19.84 -8.73
C ARG A 92 -9.08 -18.47 -9.42
N GLU A 93 -9.65 -18.43 -10.62
CA GLU A 93 -9.74 -17.19 -11.38
C GLU A 93 -10.56 -16.13 -10.63
N GLU A 94 -11.50 -16.56 -9.79
CA GLU A 94 -12.33 -15.61 -9.04
C GLU A 94 -11.54 -15.08 -7.83
N LEU A 95 -10.59 -15.88 -7.36
CA LEU A 95 -9.76 -15.45 -6.25
C LEU A 95 -8.80 -14.35 -6.72
N VAL A 96 -8.30 -14.49 -7.93
CA VAL A 96 -7.38 -13.51 -8.51
C VAL A 96 -8.08 -12.22 -8.94
N LYS A 97 -9.19 -12.36 -9.65
CA LYS A 97 -9.92 -11.18 -10.13
C LYS A 97 -10.79 -10.45 -9.12
N ASN A 98 -11.63 -11.19 -8.39
CA ASN A 98 -12.53 -10.57 -7.44
C ASN A 98 -11.97 -10.13 -6.10
N LEU A 99 -10.73 -10.50 -5.81
CA LEU A 99 -10.12 -10.08 -4.56
C LEU A 99 -9.01 -9.09 -4.84
N GLY A 100 -8.57 -9.03 -6.10
CA GLY A 100 -7.51 -8.13 -6.47
C GLY A 100 -7.98 -6.88 -7.16
N THR A 101 -9.28 -6.83 -7.49
CA THR A 101 -9.85 -5.67 -8.16
C THR A 101 -11.26 -5.40 -7.64
N ILE A 102 -11.85 -4.29 -8.09
CA ILE A 102 -13.20 -3.91 -7.68
C ILE A 102 -13.88 -3.16 -8.82
N ALA A 103 -15.21 -3.20 -8.85
CA ALA A 103 -15.99 -2.51 -9.88
C ALA A 103 -17.10 -1.65 -9.27
N SER A 123 -21.01 7.41 9.48
CA SER A 123 -20.04 6.32 9.52
C SER A 123 -20.01 5.55 8.21
N THR A 124 -18.85 5.00 7.88
CA THR A 124 -18.68 4.24 6.65
C THR A 124 -18.92 2.75 6.90
N SER A 125 -19.29 2.42 8.13
CA SER A 125 -19.57 1.04 8.53
C SER A 125 -20.60 0.37 7.64
N GLU A 126 -21.62 1.11 7.23
CA GLU A 126 -22.68 0.59 6.39
C GLU A 126 -22.34 0.65 4.91
N LEU A 127 -21.59 1.68 4.53
CA LEU A 127 -21.19 1.89 3.14
C LEU A 127 -20.30 0.80 2.53
N ILE A 128 -19.53 0.12 3.37
CA ILE A 128 -18.62 -0.90 2.88
C ILE A 128 -19.31 -2.16 2.35
N GLY A 129 -20.22 -2.71 3.12
CA GLY A 129 -20.91 -3.91 2.69
C GLY A 129 -21.78 -3.68 1.47
N GLN A 130 -22.22 -2.43 1.30
CA GLN A 130 -23.07 -2.05 0.19
C GLN A 130 -22.29 -1.85 -1.12
N PHE A 131 -21.06 -1.35 -1.01
CA PHE A 131 -20.23 -1.09 -2.18
C PHE A 131 -19.48 -2.35 -2.62
N GLY A 132 -19.49 -3.38 -1.78
CA GLY A 132 -18.84 -4.63 -2.10
C GLY A 132 -17.36 -4.68 -1.77
N VAL A 133 -16.99 -4.11 -0.63
CA VAL A 133 -15.60 -4.08 -0.23
C VAL A 133 -15.40 -4.35 1.27
N GLY A 134 -16.44 -4.87 1.92
CA GLY A 134 -16.40 -5.19 3.33
C GLY A 134 -15.39 -6.24 3.74
N PHE A 135 -14.97 -7.09 2.80
CA PHE A 135 -13.98 -8.13 3.08
C PHE A 135 -12.66 -7.53 3.59
N TYR A 136 -12.26 -6.40 3.01
CA TYR A 136 -11.02 -5.76 3.41
C TYR A 136 -11.03 -5.24 4.84
N SER A 137 -12.19 -5.25 5.50
CA SER A 137 -12.27 -4.79 6.88
C SER A 137 -11.51 -5.73 7.79
N ALA A 138 -11.11 -6.87 7.24
CA ALA A 138 -10.38 -7.88 8.02
C ALA A 138 -8.97 -7.40 8.39
N PHE A 139 -8.43 -6.47 7.59
CA PHE A 139 -7.10 -5.95 7.86
C PHE A 139 -7.12 -4.99 9.04
N LEU A 140 -8.30 -4.78 9.60
CA LEU A 140 -8.40 -3.91 10.76
C LEU A 140 -7.80 -4.67 11.93
N VAL A 141 -7.88 -6.00 11.90
CA VAL A 141 -7.36 -6.81 12.99
C VAL A 141 -6.36 -7.88 12.57
N ALA A 142 -6.03 -7.93 11.28
CA ALA A 142 -5.10 -8.94 10.81
C ALA A 142 -3.89 -8.43 10.05
N ASP A 143 -2.75 -9.08 10.31
CA ASP A 143 -1.48 -8.78 9.67
C ASP A 143 -1.41 -9.63 8.41
N LYS A 144 -2.31 -10.61 8.34
CA LYS A 144 -2.35 -11.51 7.19
C LYS A 144 -3.71 -12.20 7.09
N VAL A 145 -4.25 -12.19 5.87
CA VAL A 145 -5.54 -12.81 5.64
C VAL A 145 -5.36 -13.93 4.62
N ILE A 146 -5.98 -15.07 4.88
CA ILE A 146 -5.91 -16.23 3.99
C ILE A 146 -7.32 -16.71 3.66
N VAL A 147 -7.57 -16.94 2.37
CA VAL A 147 -8.86 -17.42 1.89
C VAL A 147 -8.64 -18.77 1.16
N THR A 148 -9.04 -19.87 1.78
CA THR A 148 -8.93 -21.20 1.18
C THR A 148 -10.32 -21.50 0.61
N SER A 149 -10.40 -21.91 -0.65
CA SER A 149 -11.72 -22.14 -1.24
C SER A 149 -11.84 -23.29 -2.25
N LYS A 150 -12.95 -24.01 -2.17
CA LYS A 150 -13.24 -25.12 -3.09
C LYS A 150 -14.58 -24.86 -3.77
N HIS A 151 -14.56 -24.80 -5.09
CA HIS A 151 -15.76 -24.56 -5.85
C HIS A 151 -16.06 -25.84 -6.65
N ASN A 152 -17.33 -26.11 -6.92
CA ASN A 152 -17.71 -27.31 -7.68
C ASN A 152 -17.02 -27.43 -9.03
N ASN A 153 -16.46 -26.34 -9.54
CA ASN A 153 -15.82 -26.41 -10.85
C ASN A 153 -14.34 -26.11 -10.90
N ASP A 154 -13.64 -26.40 -9.81
CA ASP A 154 -12.21 -26.17 -9.75
C ASP A 154 -11.64 -26.92 -8.56
N THR A 155 -10.32 -26.92 -8.45
CA THR A 155 -9.66 -27.58 -7.34
C THR A 155 -9.50 -26.55 -6.23
N GLN A 156 -9.20 -27.02 -5.01
CA GLN A 156 -9.03 -26.12 -3.88
C GLN A 156 -7.80 -25.24 -4.10
N HIS A 157 -7.93 -23.95 -3.79
CA HIS A 157 -6.83 -23.03 -3.93
C HIS A 157 -6.71 -22.19 -2.68
N ILE A 158 -5.58 -21.49 -2.55
CA ILE A 158 -5.34 -20.63 -1.39
C ILE A 158 -4.96 -19.22 -1.83
N TRP A 159 -5.60 -18.23 -1.21
CA TRP A 159 -5.32 -16.82 -1.49
C TRP A 159 -4.72 -16.30 -0.19
N GLU A 160 -3.60 -15.58 -0.30
CA GLU A 160 -2.96 -15.03 0.89
C GLU A 160 -2.45 -13.60 0.65
N SER A 161 -2.53 -12.77 1.69
CA SER A 161 -2.09 -11.38 1.58
C SER A 161 -1.84 -10.66 2.91
N ASP A 162 -0.79 -9.84 2.92
CA ASP A 162 -0.45 -9.05 4.09
C ASP A 162 -0.82 -7.60 3.77
N SER A 163 -1.45 -7.41 2.61
CA SER A 163 -1.91 -6.11 2.11
C SER A 163 -0.91 -5.39 1.19
N ASN A 164 0.29 -5.95 1.04
CA ASN A 164 1.31 -5.32 0.20
C ASN A 164 1.51 -6.06 -1.11
N GLU A 165 0.74 -7.14 -1.28
CA GLU A 165 0.77 -7.98 -2.47
C GLU A 165 -0.09 -9.18 -2.08
N PHE A 166 -0.29 -10.12 -3.01
CA PHE A 166 -1.05 -11.33 -2.69
C PHE A 166 -0.70 -12.40 -3.69
N SER A 167 -0.94 -13.64 -3.30
CA SER A 167 -0.67 -14.77 -4.17
C SER A 167 -1.80 -15.80 -4.08
N VAL A 168 -1.90 -16.60 -5.13
CA VAL A 168 -2.89 -17.66 -5.20
C VAL A 168 -2.16 -18.89 -5.70
N ILE A 169 -2.29 -19.99 -4.96
CA ILE A 169 -1.63 -21.25 -5.32
C ILE A 169 -2.59 -22.41 -5.13
N ALA A 170 -2.32 -23.54 -5.75
CA ALA A 170 -3.17 -24.71 -5.59
C ALA A 170 -2.90 -25.26 -4.19
N ASP A 171 -3.95 -25.64 -3.47
CA ASP A 171 -3.75 -26.18 -2.14
C ASP A 171 -3.09 -27.56 -2.20
N PRO A 172 -1.84 -27.66 -1.70
CA PRO A 172 -1.11 -28.93 -1.72
C PRO A 172 -1.77 -30.00 -0.84
N ARG A 173 -2.78 -29.62 -0.05
CA ARG A 173 -3.46 -30.58 0.79
C ARG A 173 -4.60 -31.22 0.01
N GLY A 174 -4.80 -30.77 -1.22
CA GLY A 174 -5.89 -31.30 -2.04
C GLY A 174 -7.24 -30.70 -1.64
N ASN A 175 -8.33 -31.42 -1.89
CA ASN A 175 -9.65 -30.92 -1.54
C ASN A 175 -10.05 -31.39 -0.15
N THR A 176 -9.89 -30.53 0.84
CA THR A 176 -10.24 -30.89 2.21
C THR A 176 -11.52 -30.21 2.66
N LEU A 177 -12.01 -29.27 1.86
CA LEU A 177 -13.22 -28.55 2.22
C LEU A 177 -14.51 -29.08 1.62
N GLY A 178 -14.38 -29.87 0.54
CA GLY A 178 -15.57 -30.39 -0.10
C GLY A 178 -16.13 -29.31 -1.00
N ARG A 179 -16.63 -28.26 -0.38
CA ARG A 179 -17.18 -27.11 -1.08
C ARG A 179 -17.24 -25.99 -0.05
N GLY A 180 -16.94 -24.77 -0.46
CA GLY A 180 -16.99 -23.67 0.47
C GLY A 180 -15.70 -22.91 0.63
N THR A 181 -15.70 -22.01 1.61
CA THR A 181 -14.55 -21.17 1.86
C THR A 181 -14.21 -21.01 3.32
N THR A 182 -12.91 -20.91 3.57
CA THR A 182 -12.42 -20.67 4.91
C THR A 182 -11.58 -19.40 4.87
N ILE A 183 -11.91 -18.46 5.74
CA ILE A 183 -11.14 -17.24 5.82
C ILE A 183 -10.31 -17.35 7.11
N THR A 184 -8.99 -17.28 6.97
CA THR A 184 -8.09 -17.39 8.11
C THR A 184 -7.38 -16.06 8.37
N LEU A 185 -7.45 -15.59 9.62
CA LEU A 185 -6.83 -14.33 10.01
C LEU A 185 -5.70 -14.52 11.02
N VAL A 186 -4.49 -14.06 10.65
CA VAL A 186 -3.34 -14.11 11.54
C VAL A 186 -3.44 -12.76 12.25
N LEU A 187 -4.04 -12.79 13.43
CA LEU A 187 -4.31 -11.59 14.24
C LEU A 187 -3.14 -10.74 14.73
N LYS A 188 -3.41 -9.44 14.79
CA LYS A 188 -2.42 -8.48 15.29
C LYS A 188 -2.41 -8.73 16.79
N GLU A 189 -1.31 -8.36 17.45
CA GLU A 189 -1.20 -8.57 18.89
C GLU A 189 -2.27 -7.81 19.68
N GLU A 190 -2.71 -6.68 19.11
CA GLU A 190 -3.75 -5.87 19.74
C GLU A 190 -5.11 -6.54 19.52
N ALA A 191 -5.19 -7.39 18.50
CA ALA A 191 -6.45 -8.08 18.20
C ALA A 191 -6.49 -9.44 18.86
N SER A 192 -5.65 -9.61 19.88
CA SER A 192 -5.57 -10.87 20.60
C SER A 192 -6.88 -11.24 21.31
N ASP A 193 -7.68 -10.25 21.67
CA ASP A 193 -8.95 -10.53 22.37
C ASP A 193 -9.92 -11.36 21.54
N TYR A 194 -9.73 -11.38 20.23
CA TYR A 194 -10.63 -12.13 19.37
C TYR A 194 -10.33 -13.63 19.38
N LEU A 195 -9.48 -14.05 20.32
CA LEU A 195 -9.11 -15.45 20.48
C LEU A 195 -9.82 -16.05 21.69
N GLU A 196 -10.33 -15.18 22.57
CA GLU A 196 -11.05 -15.61 23.77
C GLU A 196 -12.47 -15.90 23.34
N LEU A 197 -13.00 -17.06 23.75
CA LEU A 197 -14.34 -17.46 23.38
C LEU A 197 -15.45 -16.49 23.78
N ASP A 198 -15.44 -16.02 25.03
CA ASP A 198 -16.46 -15.09 25.49
C ASP A 198 -16.66 -13.92 24.52
N THR A 199 -15.58 -13.43 23.93
CA THR A 199 -15.65 -12.33 22.97
C THR A 199 -16.31 -12.76 21.67
N ILE A 200 -15.73 -13.76 21.00
CA ILE A 200 -16.27 -14.23 19.73
C ILE A 200 -17.75 -14.59 19.84
N LYS A 201 -18.12 -15.36 20.86
CA LYS A 201 -19.51 -15.75 21.03
C LYS A 201 -20.42 -14.54 21.13
N ASN A 202 -19.97 -13.53 21.87
CA ASN A 202 -20.77 -12.32 22.03
C ASN A 202 -20.96 -11.65 20.68
N LEU A 203 -19.87 -11.54 19.92
CA LEU A 203 -19.90 -10.94 18.60
C LEU A 203 -20.66 -11.79 17.58
N VAL A 204 -20.36 -13.09 17.54
CA VAL A 204 -21.02 -13.99 16.60
C VAL A 204 -22.53 -13.90 16.77
N LYS A 205 -22.96 -13.93 18.02
CA LYS A 205 -24.38 -13.86 18.35
C LYS A 205 -24.99 -12.52 17.93
N LYS A 206 -24.27 -11.43 18.18
CA LYS A 206 -24.77 -10.11 17.82
C LYS A 206 -24.92 -9.87 16.32
N TYR A 207 -24.13 -10.56 15.51
CA TYR A 207 -24.20 -10.39 14.06
C TYR A 207 -24.83 -11.59 13.33
N SER A 208 -25.20 -12.63 14.09
CA SER A 208 -25.81 -13.82 13.51
C SER A 208 -27.34 -13.73 13.48
N GLN A 209 -27.87 -12.72 14.17
CA GLN A 209 -29.32 -12.52 14.27
C GLN A 209 -30.20 -12.66 13.04
N PHE A 210 -29.82 -12.02 11.93
CA PHE A 210 -30.64 -12.07 10.70
C PHE A 210 -30.11 -12.98 9.59
N ILE A 211 -29.16 -13.86 9.93
CA ILE A 211 -28.61 -14.77 8.94
C ILE A 211 -29.52 -16.00 8.92
N ASN A 212 -29.92 -16.43 7.73
CA ASN A 212 -30.82 -17.57 7.60
C ASN A 212 -30.17 -18.94 7.65
N PHE A 213 -28.92 -18.99 8.12
CA PHE A 213 -28.20 -20.26 8.20
C PHE A 213 -27.69 -20.47 9.63
N PRO A 214 -27.46 -21.75 10.02
CA PRO A 214 -26.97 -22.02 11.36
C PRO A 214 -25.49 -21.65 11.47
N ILE A 215 -25.11 -21.00 12.57
CA ILE A 215 -23.72 -20.58 12.76
C ILE A 215 -23.18 -21.11 14.08
N TYR A 216 -22.22 -22.03 14.00
CA TYR A 216 -21.65 -22.61 15.20
C TYR A 216 -20.30 -22.02 15.58
N VAL A 217 -19.89 -22.28 16.82
CA VAL A 217 -18.60 -21.84 17.34
C VAL A 217 -17.98 -23.01 18.11
N TRP A 218 -16.72 -23.31 17.81
CA TRP A 218 -16.01 -24.38 18.49
C TRP A 218 -15.69 -23.89 19.90
N SER A 219 -16.52 -24.28 20.87
CA SER A 219 -16.32 -23.84 22.24
C SER A 219 -16.14 -24.96 23.25
N SER A 220 -15.62 -24.60 24.43
CA SER A 220 -15.37 -25.55 25.49
C SER A 220 -16.58 -25.67 26.43
N LYS A 221 -16.70 -26.83 27.06
CA LYS A 221 -17.78 -27.07 28.00
C LYS A 221 -17.21 -27.63 29.29
N THR A 222 -17.12 -26.76 30.28
CA THR A 222 -16.57 -27.10 31.59
C THR A 222 -17.59 -26.90 32.70
N LYS A 227 -16.16 -33.86 31.70
CA LYS A 227 -15.08 -32.93 32.04
C LYS A 227 -15.05 -31.74 31.08
N THR A 228 -13.90 -31.54 30.44
CA THR A 228 -13.75 -30.44 29.49
C THR A 228 -13.69 -31.00 28.07
N VAL A 229 -14.84 -30.99 27.41
CA VAL A 229 -14.93 -31.49 26.04
C VAL A 229 -15.28 -30.35 25.07
N TRP A 230 -14.79 -30.48 23.84
CA TRP A 230 -15.04 -29.47 22.82
C TRP A 230 -16.01 -29.97 21.77
N ASP A 231 -16.92 -29.10 21.34
CA ASP A 231 -17.91 -29.46 20.32
C ASP A 231 -18.49 -28.19 19.68
N TRP A 232 -19.27 -28.35 18.61
CA TRP A 232 -19.87 -27.20 17.93
C TRP A 232 -21.03 -26.68 18.77
N GLU A 233 -21.09 -25.36 18.90
CA GLU A 233 -22.16 -24.74 19.68
C GLU A 233 -22.97 -23.81 18.81
N LEU A 234 -24.29 -24.05 18.74
CA LEU A 234 -25.16 -23.22 17.93
C LEU A 234 -25.34 -21.87 18.59
N MET A 235 -25.15 -20.82 17.79
CA MET A 235 -25.22 -19.42 18.26
C MET A 235 -26.50 -18.68 17.86
N ASN A 236 -27.17 -19.14 16.80
CA ASN A 236 -28.38 -18.46 16.33
C ASN A 236 -29.61 -19.36 16.17
N SER B 9 0.77 0.80 -21.05
CA SER B 9 2.17 0.49 -20.63
C SER B 9 2.81 1.70 -19.95
N GLU B 10 1.98 2.48 -19.26
CA GLU B 10 2.44 3.67 -18.56
C GLU B 10 2.15 3.62 -17.05
N LYS B 11 1.38 2.63 -16.62
CA LYS B 11 1.03 2.48 -15.22
C LYS B 11 1.57 1.18 -14.64
N PHE B 12 2.40 1.31 -13.60
CA PHE B 12 3.01 0.16 -12.96
C PHE B 12 2.62 0.08 -11.50
N ALA B 13 2.95 -1.03 -10.88
CA ALA B 13 2.69 -1.25 -9.48
C ALA B 13 4.04 -1.34 -8.78
N PHE B 14 4.08 -0.94 -7.52
CA PHE B 14 5.30 -1.02 -6.73
C PHE B 14 5.52 -2.48 -6.34
N GLN B 15 6.78 -2.83 -6.17
CA GLN B 15 7.17 -4.17 -5.74
C GLN B 15 6.75 -4.26 -4.28
N ALA B 16 6.42 -5.46 -3.82
CA ALA B 16 5.97 -5.67 -2.44
C ALA B 16 6.92 -5.07 -1.39
N GLU B 17 8.22 -5.25 -1.61
CA GLU B 17 9.22 -4.73 -0.68
C GLU B 17 9.11 -3.22 -0.53
N VAL B 18 9.02 -2.51 -1.65
CA VAL B 18 8.89 -1.06 -1.57
C VAL B 18 7.65 -0.71 -0.75
N ASN B 19 6.53 -1.40 -1.02
CA ASN B 19 5.29 -1.15 -0.26
C ASN B 19 5.59 -1.22 1.22
N ARG B 20 6.18 -2.33 1.65
CA ARG B 20 6.52 -2.50 3.07
C ARG B 20 7.44 -1.37 3.56
N MET B 21 8.42 -1.00 2.75
CA MET B 21 9.37 0.06 3.11
C MET B 21 8.73 1.43 3.31
N MET B 22 7.80 1.82 2.44
CA MET B 22 7.14 3.11 2.58
C MET B 22 6.39 3.20 3.90
N LYS B 23 5.72 2.12 4.28
CA LYS B 23 4.98 2.14 5.55
C LYS B 23 5.94 2.33 6.73
N LEU B 24 6.98 1.50 6.79
CA LEU B 24 7.95 1.59 7.87
C LEU B 24 8.47 3.02 8.00
N ILE B 25 8.95 3.61 6.91
CA ILE B 25 9.45 4.97 6.94
C ILE B 25 8.41 5.94 7.50
N ILE B 26 7.15 5.74 7.11
CA ILE B 26 6.07 6.61 7.55
C ILE B 26 5.63 6.36 8.99
N ASN B 27 5.68 5.11 9.43
CA ASN B 27 5.28 4.78 10.79
C ASN B 27 6.32 5.17 11.83
N SER B 28 7.57 5.26 11.42
CA SER B 28 8.64 5.58 12.36
C SER B 28 9.23 7.00 12.34
N LEU B 29 9.04 7.76 11.27
CA LEU B 29 9.61 9.11 11.23
C LEU B 29 8.60 10.23 11.35
N TYR B 30 7.37 9.89 11.75
CA TYR B 30 6.32 10.89 11.89
C TYR B 30 6.69 11.94 12.92
N LYS B 31 7.74 11.67 13.71
CA LYS B 31 8.18 12.61 14.73
C LYS B 31 9.25 13.59 14.23
N ASN B 32 10.02 13.19 13.22
CA ASN B 32 11.05 14.05 12.64
C ASN B 32 10.90 14.00 11.13
N LYS B 33 9.90 14.70 10.62
CA LYS B 33 9.60 14.71 9.19
C LYS B 33 10.47 15.62 8.32
N GLU B 34 11.02 16.67 8.91
CA GLU B 34 11.87 17.60 8.16
C GLU B 34 13.04 16.89 7.48
N ILE B 35 13.24 15.64 7.86
CA ILE B 35 14.32 14.84 7.30
C ILE B 35 14.22 14.73 5.77
N PHE B 36 13.00 14.69 5.25
CA PHE B 36 12.79 14.53 3.81
C PHE B 36 13.66 15.44 2.94
N LEU B 37 13.89 16.68 3.38
CA LEU B 37 14.69 17.61 2.60
C LEU B 37 16.16 17.19 2.64
N ARG B 38 16.61 16.69 3.79
CA ARG B 38 17.99 16.23 3.89
C ARG B 38 18.21 15.14 2.86
N GLU B 39 17.27 14.20 2.80
CA GLU B 39 17.36 13.09 1.87
C GLU B 39 17.33 13.50 0.40
N LEU B 40 16.52 14.50 0.07
CA LEU B 40 16.45 14.95 -1.33
C LEU B 40 17.73 15.67 -1.78
N ILE B 41 18.25 16.52 -0.89
CA ILE B 41 19.47 17.28 -1.14
C ILE B 41 20.65 16.31 -1.29
N SER B 42 20.66 15.31 -0.41
CA SER B 42 21.70 14.28 -0.42
C SER B 42 21.70 13.53 -1.75
N ASN B 43 20.51 13.13 -2.20
CA ASN B 43 20.38 12.42 -3.47
C ASN B 43 20.83 13.35 -4.59
N ALA B 44 20.47 14.61 -4.49
CA ALA B 44 20.84 15.61 -5.49
C ALA B 44 22.36 15.64 -5.61
N SER B 45 23.03 15.66 -4.47
CA SER B 45 24.49 15.68 -4.40
C SER B 45 25.10 14.45 -5.09
N ASP B 46 24.57 13.27 -4.78
CA ASP B 46 25.08 12.05 -5.40
C ASP B 46 24.99 12.19 -6.93
N ALA B 47 23.84 12.65 -7.41
CA ALA B 47 23.62 12.82 -8.84
C ALA B 47 24.67 13.73 -9.46
N LEU B 48 24.93 14.86 -8.82
CA LEU B 48 25.92 15.82 -9.30
C LEU B 48 27.31 15.17 -9.30
N ASP B 49 27.62 14.42 -8.24
CA ASP B 49 28.90 13.72 -8.13
C ASP B 49 29.11 12.82 -9.35
N LYS B 50 28.05 12.14 -9.77
CA LYS B 50 28.14 11.23 -10.88
C LYS B 50 28.29 11.82 -12.26
N ILE B 51 27.70 12.99 -12.50
CA ILE B 51 27.84 13.59 -13.81
C ILE B 51 29.26 14.15 -13.86
N ARG B 52 29.73 14.64 -12.72
CA ARG B 52 31.06 15.20 -12.63
C ARG B 52 32.10 14.13 -12.97
N LEU B 53 31.93 12.93 -12.44
CA LEU B 53 32.85 11.85 -12.75
C LEU B 53 32.83 11.61 -14.26
N ILE B 54 31.63 11.41 -14.80
CA ILE B 54 31.47 11.18 -16.21
C ILE B 54 32.13 12.27 -17.05
N SER B 55 32.11 13.52 -16.58
CA SER B 55 32.71 14.59 -17.35
C SER B 55 34.22 14.45 -17.42
N LEU B 56 34.77 13.53 -16.64
CA LEU B 56 36.22 13.33 -16.65
C LEU B 56 36.66 12.54 -17.86
N THR B 57 35.82 11.59 -18.29
CA THR B 57 36.16 10.78 -19.44
C THR B 57 35.30 11.08 -20.66
N ASP B 58 34.17 11.75 -20.44
CA ASP B 58 33.26 12.09 -21.52
C ASP B 58 33.23 13.60 -21.74
N GLU B 59 33.87 14.05 -22.81
CA GLU B 59 33.93 15.48 -23.14
C GLU B 59 32.54 16.08 -23.38
N ASN B 60 31.58 15.26 -23.80
CA ASN B 60 30.22 15.73 -24.06
C ASN B 60 29.28 15.72 -22.84
N ALA B 61 29.74 15.18 -21.72
CA ALA B 61 28.93 15.09 -20.50
C ALA B 61 28.00 16.25 -20.19
N LEU B 62 28.57 17.45 -20.08
CA LEU B 62 27.79 18.62 -19.73
C LEU B 62 27.25 19.37 -20.95
N ALA B 63 26.88 18.65 -22.01
CA ALA B 63 26.35 19.29 -23.21
C ALA B 63 24.99 19.91 -22.95
N GLY B 64 24.12 19.16 -22.29
CA GLY B 64 22.77 19.66 -22.00
C GLY B 64 22.61 20.75 -20.96
N ASN B 65 23.64 20.96 -20.14
CA ASN B 65 23.59 21.97 -19.11
C ASN B 65 24.97 22.08 -18.46
N GLU B 66 25.63 23.21 -18.66
CA GLU B 66 26.98 23.43 -18.14
C GLU B 66 27.13 23.61 -16.64
N GLU B 67 26.04 23.89 -15.92
CA GLU B 67 26.13 24.08 -14.48
C GLU B 67 25.95 22.82 -13.65
N LEU B 68 26.44 22.89 -12.41
CA LEU B 68 26.34 21.78 -11.46
C LEU B 68 25.71 22.34 -10.20
N THR B 69 24.41 22.59 -10.23
CA THR B 69 23.73 23.17 -9.08
C THR B 69 22.53 22.43 -8.56
N VAL B 70 21.99 22.94 -7.46
CA VAL B 70 20.79 22.42 -6.84
C VAL B 70 19.97 23.66 -6.49
N LYS B 71 18.77 23.77 -7.07
CA LYS B 71 17.88 24.91 -6.84
C LYS B 71 16.53 24.48 -6.26
N ILE B 72 16.13 25.14 -5.19
CA ILE B 72 14.88 24.85 -4.51
C ILE B 72 13.87 25.95 -4.74
N LYS B 73 12.65 25.56 -5.12
CA LYS B 73 11.60 26.52 -5.46
C LYS B 73 10.27 26.26 -4.76
N CYS B 74 9.82 27.23 -3.97
CA CYS B 74 8.54 27.10 -3.29
C CYS B 74 7.46 27.83 -4.09
N ASP B 75 6.33 27.16 -4.28
CA ASP B 75 5.21 27.76 -5.00
C ASP B 75 3.95 27.66 -4.13
N LYS B 76 3.76 28.65 -3.26
CA LYS B 76 2.62 28.67 -2.36
C LYS B 76 1.25 28.55 -3.03
N GLU B 77 1.01 29.30 -4.11
CA GLU B 77 -0.28 29.25 -4.77
C GLU B 77 -0.70 27.82 -5.15
N LYS B 78 0.17 27.11 -5.85
CA LYS B 78 -0.13 25.75 -6.29
C LYS B 78 0.13 24.66 -5.24
N ASN B 79 0.72 25.04 -4.12
CA ASN B 79 1.01 24.12 -3.02
C ASN B 79 2.11 23.11 -3.38
N LEU B 80 3.06 23.54 -4.19
CA LEU B 80 4.15 22.66 -4.61
C LEU B 80 5.52 23.08 -4.12
N LEU B 81 6.39 22.09 -3.89
CA LEU B 81 7.77 22.34 -3.49
C LEU B 81 8.62 21.62 -4.55
N HIS B 82 9.53 22.37 -5.19
CA HIS B 82 10.39 21.82 -6.23
C HIS B 82 11.86 21.74 -5.80
N VAL B 83 12.51 20.61 -6.10
CA VAL B 83 13.94 20.44 -5.79
C VAL B 83 14.61 19.97 -7.09
N THR B 84 15.32 20.88 -7.74
CA THR B 84 15.97 20.58 -9.01
C THR B 84 17.50 20.58 -8.95
N ASP B 85 18.10 19.54 -9.53
CA ASP B 85 19.56 19.41 -9.60
C ASP B 85 19.94 19.25 -11.08
N THR B 86 21.20 19.49 -11.40
CA THR B 86 21.67 19.35 -12.78
C THR B 86 22.68 18.23 -12.92
N GLY B 87 22.44 17.15 -12.17
CA GLY B 87 23.31 15.99 -12.21
C GLY B 87 23.06 15.10 -13.42
N VAL B 88 23.50 13.85 -13.32
CA VAL B 88 23.37 12.88 -14.40
C VAL B 88 21.94 12.52 -14.83
N GLY B 89 20.95 12.71 -13.95
CA GLY B 89 19.58 12.40 -14.32
C GLY B 89 19.26 10.92 -14.38
N MET B 90 18.06 10.57 -14.87
CA MET B 90 17.64 9.17 -14.97
C MET B 90 16.86 8.88 -16.26
N THR B 91 17.13 7.73 -16.88
CA THR B 91 16.45 7.33 -18.11
C THR B 91 15.11 6.70 -17.73
N ARG B 92 14.16 6.67 -18.66
CA ARG B 92 12.86 6.07 -18.38
C ARG B 92 12.99 4.69 -17.71
N GLU B 93 13.87 3.84 -18.25
CA GLU B 93 14.03 2.48 -17.71
C GLU B 93 14.47 2.49 -16.24
N GLU B 94 15.23 3.51 -15.86
CA GLU B 94 15.70 3.61 -14.48
C GLU B 94 14.62 4.10 -13.54
N LEU B 95 13.82 5.06 -13.99
CA LEU B 95 12.75 5.56 -13.15
C LEU B 95 11.86 4.36 -12.76
N VAL B 96 11.51 3.54 -13.75
CA VAL B 96 10.66 2.37 -13.51
C VAL B 96 11.25 1.35 -12.53
N LYS B 97 12.44 0.85 -12.83
CA LYS B 97 13.05 -0.15 -11.95
C LYS B 97 13.64 0.37 -10.65
N ASN B 98 14.44 1.42 -10.72
CA ASN B 98 15.08 1.95 -9.51
C ASN B 98 14.15 2.66 -8.55
N LEU B 99 12.90 2.87 -8.96
CA LEU B 99 11.95 3.53 -8.07
C LEU B 99 10.82 2.60 -7.67
N GLY B 100 10.58 1.57 -8.48
CA GLY B 100 9.52 0.63 -8.20
C GLY B 100 9.96 -0.64 -7.50
N THR B 101 11.27 -0.82 -7.36
CA THR B 101 11.81 -2.01 -6.69
C THR B 101 13.07 -1.66 -5.90
N ILE B 102 13.42 -2.55 -4.97
CA ILE B 102 14.62 -2.35 -4.14
C ILE B 102 15.42 -3.64 -4.03
N SER B 123 16.48 6.03 16.38
CA SER B 123 16.16 6.78 15.17
C SER B 123 16.72 6.09 13.93
N THR B 124 15.82 5.74 13.01
CA THR B 124 16.24 5.10 11.76
C THR B 124 16.54 6.21 10.76
N SER B 125 16.43 7.43 11.26
CA SER B 125 16.69 8.64 10.48
C SER B 125 17.91 8.53 9.60
N GLU B 126 19.04 8.17 10.20
CA GLU B 126 20.29 8.04 9.46
C GLU B 126 20.56 6.59 9.08
N LEU B 127 19.51 5.78 9.14
CA LEU B 127 19.62 4.38 8.79
C LEU B 127 19.00 4.12 7.42
N ILE B 128 18.27 5.11 6.92
CA ILE B 128 17.62 4.99 5.63
C ILE B 128 18.51 5.46 4.48
N GLY B 129 19.44 6.35 4.77
CA GLY B 129 20.35 6.83 3.74
C GLY B 129 21.26 5.66 3.42
N GLN B 130 21.65 4.95 4.46
CA GLN B 130 22.52 3.77 4.36
C GLN B 130 21.95 2.72 3.40
N PHE B 131 20.69 2.37 3.60
CA PHE B 131 20.02 1.36 2.78
C PHE B 131 19.60 1.89 1.42
N GLY B 132 19.62 3.21 1.27
CA GLY B 132 19.25 3.81 -0.01
C GLY B 132 17.75 3.82 -0.27
N VAL B 133 16.98 4.31 0.69
CA VAL B 133 15.53 4.38 0.55
C VAL B 133 15.05 5.75 1.03
N GLY B 134 15.99 6.66 1.23
CA GLY B 134 15.65 8.00 1.69
C GLY B 134 14.57 8.68 0.87
N PHE B 135 14.65 8.52 -0.45
CA PHE B 135 13.67 9.13 -1.36
C PHE B 135 12.23 9.05 -0.83
N TYR B 136 11.82 7.86 -0.43
CA TYR B 136 10.47 7.63 0.08
C TYR B 136 10.09 8.46 1.31
N SER B 137 11.06 9.11 1.95
CA SER B 137 10.74 9.93 3.12
C SER B 137 9.92 11.14 2.67
N ALA B 138 9.81 11.32 1.36
CA ALA B 138 9.06 12.44 0.80
C ALA B 138 7.56 12.27 1.03
N PHE B 139 7.08 11.03 1.13
CA PHE B 139 5.67 10.78 1.37
C PHE B 139 5.23 11.15 2.79
N LEU B 140 6.20 11.50 3.64
CA LEU B 140 5.91 11.92 5.02
C LEU B 140 5.22 13.28 5.01
N VAL B 141 5.41 14.04 3.94
CA VAL B 141 4.84 15.37 3.85
C VAL B 141 4.10 15.64 2.57
N ALA B 142 4.12 14.67 1.65
CA ALA B 142 3.48 14.85 0.35
C ALA B 142 2.42 13.81 0.01
N ASP B 143 1.28 14.27 -0.48
CA ASP B 143 0.21 13.35 -0.88
C ASP B 143 0.60 12.76 -2.21
N LYS B 144 1.36 13.52 -2.99
CA LYS B 144 1.80 13.05 -4.30
C LYS B 144 3.20 13.55 -4.60
N VAL B 145 4.04 12.66 -5.11
CA VAL B 145 5.43 12.96 -5.47
C VAL B 145 5.64 12.77 -6.97
N ILE B 146 6.23 13.77 -7.59
CA ILE B 146 6.51 13.68 -9.03
C ILE B 146 8.00 13.84 -9.28
N VAL B 147 8.53 13.03 -10.21
CA VAL B 147 9.95 13.07 -10.56
C VAL B 147 10.17 13.31 -12.06
N THR B 148 10.67 14.50 -12.40
CA THR B 148 10.94 14.85 -13.80
C THR B 148 12.45 14.70 -13.96
N SER B 149 12.90 13.96 -14.97
CA SER B 149 14.34 13.76 -15.15
C SER B 149 14.80 13.63 -16.62
N LYS B 150 15.92 14.27 -16.94
CA LYS B 150 16.50 14.22 -18.29
C LYS B 150 17.93 13.69 -18.21
N HIS B 151 18.14 12.52 -18.81
CA HIS B 151 19.44 11.88 -18.80
C HIS B 151 20.05 11.86 -20.21
N ASN B 152 21.31 12.31 -20.30
CA ASN B 152 22.03 12.36 -21.58
C ASN B 152 21.64 11.29 -22.60
N ASN B 153 21.44 10.06 -22.15
CA ASN B 153 21.07 8.97 -23.05
C ASN B 153 19.57 8.75 -23.27
N ASP B 154 18.75 9.78 -23.08
CA ASP B 154 17.31 9.59 -23.29
C ASP B 154 16.55 10.93 -23.32
N THR B 155 15.24 10.84 -23.57
CA THR B 155 14.39 12.02 -23.61
C THR B 155 13.83 12.26 -22.21
N GLN B 156 13.32 13.45 -21.96
CA GLN B 156 12.77 13.78 -20.66
C GLN B 156 11.50 12.97 -20.37
N HIS B 157 11.38 12.48 -19.13
CA HIS B 157 10.21 11.70 -18.72
C HIS B 157 9.69 12.10 -17.35
N ILE B 158 8.47 11.69 -17.03
CA ILE B 158 7.85 12.01 -15.76
C ILE B 158 7.30 10.79 -15.01
N TRP B 159 7.72 10.65 -13.76
CA TRP B 159 7.29 9.57 -12.87
C TRP B 159 6.42 10.22 -11.80
N GLU B 160 5.22 9.68 -11.62
CA GLU B 160 4.29 10.22 -10.63
C GLU B 160 3.75 9.10 -9.76
N SER B 161 3.40 9.44 -8.51
CA SER B 161 2.88 8.47 -7.56
C SER B 161 2.22 9.08 -6.33
N ASP B 162 1.21 8.37 -5.84
CA ASP B 162 0.49 8.77 -4.63
C ASP B 162 0.70 7.66 -3.61
N SER B 163 1.62 6.76 -3.94
CA SER B 163 2.04 5.59 -3.15
C SER B 163 1.23 4.30 -3.41
N ASN B 164 0.03 4.43 -3.99
CA ASN B 164 -0.81 3.25 -4.27
C ASN B 164 -0.59 2.64 -5.65
N GLU B 165 0.33 3.24 -6.40
CA GLU B 165 0.69 2.82 -7.75
C GLU B 165 1.62 3.93 -8.20
N PHE B 166 1.99 3.93 -9.48
CA PHE B 166 2.85 4.97 -10.03
C PHE B 166 2.85 4.87 -11.55
N SER B 167 3.18 5.95 -12.24
CA SER B 167 3.22 5.92 -13.70
C SER B 167 4.38 6.69 -14.29
N VAL B 168 4.82 6.24 -15.46
CA VAL B 168 5.92 6.87 -16.17
C VAL B 168 5.50 7.26 -17.58
N ILE B 169 5.61 8.56 -17.90
CA ILE B 169 5.24 9.02 -19.23
C ILE B 169 6.28 9.99 -19.80
N ALA B 170 6.38 10.03 -21.13
CA ALA B 170 7.31 10.93 -21.80
C ALA B 170 6.85 12.36 -21.57
N ASP B 171 7.75 13.24 -21.19
CA ASP B 171 7.37 14.62 -20.95
C ASP B 171 6.90 15.30 -22.22
N PRO B 172 5.63 15.75 -22.25
CA PRO B 172 5.07 16.42 -23.42
C PRO B 172 5.59 17.84 -23.62
N ARG B 173 6.32 18.36 -22.64
CA ARG B 173 6.89 19.71 -22.72
C ARG B 173 8.27 19.72 -23.41
N GLY B 174 8.84 18.53 -23.61
CA GLY B 174 10.14 18.42 -24.25
C GLY B 174 11.32 18.44 -23.29
N ASN B 175 12.53 18.52 -23.84
CA ASN B 175 13.73 18.57 -23.01
C ASN B 175 13.83 19.97 -22.39
N THR B 176 13.17 20.16 -21.25
CA THR B 176 13.18 21.46 -20.61
C THR B 176 14.24 21.62 -19.54
N LEU B 177 14.68 20.49 -18.97
CA LEU B 177 15.70 20.50 -17.93
C LEU B 177 17.13 20.56 -18.48
N GLY B 178 17.30 20.15 -19.74
CA GLY B 178 18.63 20.14 -20.35
C GLY B 178 19.32 18.86 -19.93
N ARG B 179 19.36 18.65 -18.61
CA ARG B 179 19.93 17.47 -17.96
C ARG B 179 19.68 17.63 -16.47
N GLY B 180 19.40 16.52 -15.80
CA GLY B 180 19.15 16.55 -14.37
C GLY B 180 17.78 16.09 -13.93
N THR B 181 17.39 16.47 -12.72
CA THR B 181 16.11 16.03 -12.18
C THR B 181 15.39 17.08 -11.31
N THR B 182 14.06 17.02 -11.34
CA THR B 182 13.25 17.89 -10.50
C THR B 182 12.38 17.01 -9.63
N ILE B 183 12.41 17.27 -8.33
CA ILE B 183 11.57 16.54 -7.39
C ILE B 183 10.45 17.51 -7.04
N THR B 184 9.23 17.17 -7.43
CA THR B 184 8.10 18.05 -7.12
C THR B 184 7.15 17.38 -6.13
N LEU B 185 6.93 18.06 -5.01
CA LEU B 185 6.06 17.52 -3.98
C LEU B 185 4.76 18.31 -3.84
N VAL B 186 3.65 17.58 -3.83
CA VAL B 186 2.34 18.19 -3.64
C VAL B 186 2.15 18.00 -2.13
N LEU B 187 2.56 19.02 -1.37
CA LEU B 187 2.51 18.98 0.09
C LEU B 187 1.14 18.75 0.70
N LYS B 188 1.14 18.01 1.80
CA LYS B 188 -0.07 17.71 2.54
C LYS B 188 -0.47 19.04 3.18
N GLU B 189 -1.72 19.16 3.58
CA GLU B 189 -2.21 20.39 4.21
C GLU B 189 -1.44 20.64 5.50
N GLU B 190 -1.22 19.58 6.27
CA GLU B 190 -0.50 19.70 7.53
C GLU B 190 0.98 19.99 7.28
N ALA B 191 1.36 20.12 6.02
CA ALA B 191 2.74 20.40 5.64
C ALA B 191 2.85 21.81 5.09
N SER B 192 1.79 22.57 5.30
CA SER B 192 1.70 23.95 4.85
C SER B 192 2.92 24.77 5.18
N ASP B 193 3.58 24.46 6.29
CA ASP B 193 4.75 25.20 6.73
C ASP B 193 6.02 25.16 5.86
N TYR B 194 6.18 24.12 5.05
CA TYR B 194 7.37 24.02 4.21
C TYR B 194 7.25 24.90 2.98
N LEU B 195 6.10 25.57 2.87
CA LEU B 195 5.84 26.48 1.74
C LEU B 195 6.44 27.83 2.06
N GLU B 196 6.58 28.10 3.37
CA GLU B 196 7.14 29.34 3.86
C GLU B 196 8.64 29.38 3.59
N LEU B 197 9.11 30.47 2.99
CA LEU B 197 10.51 30.61 2.65
C LEU B 197 11.45 30.51 3.85
N ASP B 198 11.28 31.40 4.81
CA ASP B 198 12.13 31.41 5.99
C ASP B 198 12.33 30.00 6.57
N THR B 199 11.35 29.13 6.36
CA THR B 199 11.44 27.75 6.87
C THR B 199 12.37 26.88 6.00
N ILE B 200 12.20 26.96 4.69
CA ILE B 200 13.05 26.20 3.78
C ILE B 200 14.49 26.69 3.89
N LYS B 201 14.70 28.01 3.84
CA LYS B 201 16.05 28.57 3.97
C LYS B 201 16.68 28.00 5.23
N ASN B 202 15.94 28.08 6.34
CA ASN B 202 16.40 27.56 7.61
C ASN B 202 16.79 26.09 7.48
N LEU B 203 15.93 25.29 6.86
CA LEU B 203 16.20 23.86 6.68
C LEU B 203 17.28 23.63 5.63
N VAL B 204 17.08 24.15 4.42
CA VAL B 204 18.06 23.95 3.36
C VAL B 204 19.48 24.26 3.86
N LYS B 205 19.59 25.23 4.76
CA LYS B 205 20.89 25.60 5.28
C LYS B 205 21.49 24.51 6.16
N LYS B 206 20.76 24.10 7.19
CA LYS B 206 21.26 23.07 8.09
C LYS B 206 21.74 21.79 7.42
N TYR B 207 21.23 21.49 6.24
CA TYR B 207 21.64 20.27 5.52
C TYR B 207 22.53 20.52 4.30
N SER B 208 22.57 21.74 3.81
CA SER B 208 23.39 22.08 2.64
C SER B 208 24.81 22.47 3.04
N GLN B 209 25.02 22.61 4.35
CA GLN B 209 26.32 22.98 4.87
C GLN B 209 27.39 21.93 4.62
N PHE B 210 26.98 20.74 4.20
CA PHE B 210 27.90 19.63 3.94
C PHE B 210 28.03 19.24 2.47
N ILE B 211 27.15 19.76 1.62
CA ILE B 211 27.18 19.44 0.20
C ILE B 211 28.19 20.34 -0.52
N ASN B 212 29.05 19.72 -1.32
CA ASN B 212 30.07 20.45 -2.07
C ASN B 212 29.59 21.06 -3.36
N PHE B 213 28.28 21.25 -3.47
CA PHE B 213 27.70 21.88 -4.64
C PHE B 213 26.86 23.04 -4.15
N PRO B 214 26.78 24.12 -4.95
CA PRO B 214 25.99 25.29 -4.56
C PRO B 214 24.47 25.07 -4.54
N ILE B 215 23.85 25.37 -3.40
CA ILE B 215 22.41 25.24 -3.23
C ILE B 215 21.79 26.63 -3.15
N TYR B 216 20.80 26.89 -3.99
CA TYR B 216 20.12 28.18 -4.04
C TYR B 216 18.63 28.01 -3.76
N VAL B 217 18.02 29.05 -3.17
CA VAL B 217 16.59 29.05 -2.87
C VAL B 217 15.95 30.29 -3.48
N TRP B 218 15.09 30.09 -4.47
CA TRP B 218 14.42 31.21 -5.11
C TRP B 218 13.77 32.00 -3.97
N SER B 219 14.45 33.06 -3.54
CA SER B 219 13.97 33.88 -2.44
C SER B 219 13.56 35.28 -2.88
N SER B 220 13.08 36.07 -1.93
CA SER B 220 12.63 37.42 -2.25
C SER B 220 13.24 38.47 -1.31
N LYS B 221 13.25 39.71 -1.77
CA LYS B 221 13.78 40.83 -0.99
C LYS B 221 12.87 42.04 -1.18
N THR B 222 12.58 42.72 -0.08
CA THR B 222 11.72 43.90 -0.10
C THR B 222 12.53 45.17 -0.32
N LYS B 227 11.42 47.91 -3.41
CA LYS B 227 10.41 47.04 -4.00
C LYS B 227 10.67 45.58 -3.71
N THR B 228 9.69 44.72 -4.00
CA THR B 228 9.82 43.28 -3.76
C THR B 228 10.28 42.56 -5.02
N VAL B 229 11.44 41.92 -4.95
CA VAL B 229 11.98 41.20 -6.10
C VAL B 229 12.35 39.75 -5.75
N TRP B 230 12.45 38.91 -6.77
CA TRP B 230 12.81 37.51 -6.59
C TRP B 230 14.10 37.20 -7.35
N ASP B 231 14.87 36.25 -6.83
CA ASP B 231 16.14 35.86 -7.43
C ASP B 231 16.80 34.79 -6.57
N TRP B 232 17.63 33.94 -7.17
CA TRP B 232 18.30 32.87 -6.43
C TRP B 232 19.14 33.42 -5.28
N GLU B 233 19.13 32.70 -4.16
CA GLU B 233 19.89 33.11 -2.98
C GLU B 233 20.76 31.92 -2.55
N LEU B 234 22.08 32.11 -2.53
CA LEU B 234 22.97 31.03 -2.15
C LEU B 234 22.83 30.69 -0.66
N MET B 235 22.81 29.40 -0.33
CA MET B 235 22.64 28.94 1.05
C MET B 235 23.85 28.25 1.68
N ASN B 236 24.80 27.83 0.85
CA ASN B 236 25.97 27.15 1.36
C ASN B 236 27.27 27.68 0.75
#